data_3A3G
#
_entry.id   3A3G
#
_cell.length_a   46.689
_cell.length_b   46.584
_cell.length_c   161.587
_cell.angle_alpha   90.00
_cell.angle_beta   90.00
_cell.angle_gamma   90.00
#
_symmetry.space_group_name_H-M   'P 21 21 21'
#
loop_
_entity.id
_entity.type
_entity.pdbx_description
1 polymer 'Lumazine protein'
2 non-polymer 1-deoxy-1-(6,7-dimethyl-2,4-dioxo-3,4-dihydropteridin-8(2H)-yl)-D-ribitol
3 water water
#
_entity_poly.entity_id   1
_entity_poly.type   'polypeptide(L)'
_entity_poly.pdbx_seq_one_letter_code
;MFKGIVQGAGIIKKISKNDDTQRHGITFPKDILESVEKGTVMLVNGCSLTVVRISGDVVYFDIDQAINTTTFRELEVGNK
VNLEVRPEFGSLLGKGALTGNIKGVATVDNITEEEDRLKVYIKIPKDLIENILSEDHIGINGVSHSIEEISDDIIFINYP
KNLSITTNLGTLEKGSDVNVETLNVSNEWD
;
_entity_poly.pdbx_strand_id   A,B
#
loop_
_chem_comp.id
_chem_comp.type
_chem_comp.name
_chem_comp.formula
DLZ non-polymer 1-deoxy-1-(6,7-dimethyl-2,4-dioxo-3,4-dihydropteridin-8(2H)-yl)-D-ribitol 'C13 H18 N4 O6'
#
# COMPACT_ATOMS: atom_id res chain seq x y z
N MET A 1 -10.46 -4.05 -5.10
CA MET A 1 -10.22 -4.78 -6.40
C MET A 1 -10.69 -3.98 -7.61
N PHE A 2 -9.88 -4.07 -8.66
CA PHE A 2 -10.10 -3.41 -9.92
C PHE A 2 -10.26 -4.47 -11.04
N LYS A 3 -10.76 -4.07 -12.19
CA LYS A 3 -10.92 -5.00 -13.32
C LYS A 3 -9.70 -5.09 -14.26
N GLY A 4 -8.79 -4.12 -14.24
CA GLY A 4 -7.74 -4.14 -15.27
C GLY A 4 -8.31 -3.85 -16.65
N ILE A 5 -9.37 -3.07 -16.68
CA ILE A 5 -9.87 -2.51 -17.89
C ILE A 5 -9.64 -1.01 -17.74
N VAL A 6 -8.80 -0.48 -18.60
CA VAL A 6 -8.43 0.94 -18.54
C VAL A 6 -9.59 1.80 -19.05
N GLN A 7 -9.95 2.83 -18.30
CA GLN A 7 -11.10 3.68 -18.64
C GLN A 7 -10.74 4.95 -19.38
N GLY A 8 -9.46 5.32 -19.39
CA GLY A 8 -9.04 6.52 -20.11
C GLY A 8 -7.58 6.72 -19.88
N ALA A 9 -7.04 7.73 -20.58
CA ALA A 9 -5.61 8.02 -20.50
C ALA A 9 -5.46 9.35 -19.81
N GLY A 10 -4.50 9.46 -18.90
CA GLY A 10 -4.08 10.77 -18.44
C GLY A 10 -2.74 11.15 -19.09
N ILE A 11 -2.47 12.45 -19.13
CA ILE A 11 -1.21 12.96 -19.66
C ILE A 11 -0.50 13.72 -18.55
N ILE A 12 0.76 13.37 -18.29
CA ILE A 12 1.49 13.94 -17.18
C ILE A 12 1.77 15.39 -17.54
N LYS A 13 1.36 16.28 -16.65
CA LYS A 13 1.49 17.73 -16.87
C LYS A 13 2.69 18.28 -16.12
N LYS A 14 2.93 17.80 -14.90
CA LYS A 14 4.06 18.30 -14.11
C LYS A 14 4.64 17.15 -13.29
N ILE A 15 5.92 17.26 -12.95
CA ILE A 15 6.57 16.30 -12.06
C ILE A 15 7.46 17.08 -11.14
N SER A 16 7.32 16.84 -9.83
CA SER A 16 8.16 17.45 -8.80
C SER A 16 9.08 16.38 -8.33
N LYS A 17 10.38 16.64 -8.50
CA LYS A 17 11.42 15.68 -8.19
C LYS A 17 12.09 15.92 -6.82
N ASN A 18 11.69 15.10 -5.86
CA ASN A 18 12.14 15.22 -4.50
C ASN A 18 12.75 13.88 -4.17
N ASP A 19 13.45 13.28 -5.12
CA ASP A 19 13.12 11.85 -5.42
C ASP A 19 13.63 10.59 -4.70
N ASP A 20 13.29 10.50 -3.42
CA ASP A 20 12.78 9.24 -2.90
C ASP A 20 11.23 9.42 -2.87
N THR A 21 10.78 10.57 -3.37
CA THR A 21 9.35 10.86 -3.59
C THR A 21 9.26 11.73 -4.87
N GLN A 22 8.16 11.62 -5.60
CA GLN A 22 7.85 12.53 -6.69
C GLN A 22 6.37 12.86 -6.68
N ARG A 23 6.00 14.09 -7.01
CA ARG A 23 4.57 14.39 -7.14
C ARG A 23 4.25 14.49 -8.61
N HIS A 24 3.29 13.73 -9.10
CA HIS A 24 2.90 13.86 -10.50
C HIS A 24 1.50 14.53 -10.59
N GLY A 25 1.40 15.54 -11.46
CA GLY A 25 0.14 16.16 -11.77
C GLY A 25 -0.21 15.65 -13.16
N ILE A 26 -1.38 15.06 -13.25
CA ILE A 26 -1.76 14.37 -14.46
C ILE A 26 -3.04 14.99 -14.96
N THR A 27 -3.06 15.47 -16.20
CA THR A 27 -4.35 15.87 -16.82
C THR A 27 -5.30 14.70 -17.08
N PHE A 28 -6.50 14.76 -16.51
CA PHE A 28 -7.51 13.69 -16.61
C PHE A 28 -8.58 14.07 -17.61
N PRO A 29 -9.15 13.07 -18.30
CA PRO A 29 -10.28 13.34 -19.15
C PRO A 29 -11.53 13.64 -18.29
N LYS A 30 -12.45 14.43 -18.84
CA LYS A 30 -13.58 14.94 -18.05
C LYS A 30 -14.37 13.86 -17.29
N ASP A 31 -14.65 12.74 -17.94
CA ASP A 31 -15.49 11.71 -17.34
C ASP A 31 -14.84 11.02 -16.12
N ILE A 32 -13.51 10.84 -16.19
CA ILE A 32 -12.75 10.34 -15.06
C ILE A 32 -12.53 11.42 -14.00
N LEU A 33 -12.12 12.62 -14.43
CA LEU A 33 -11.88 13.75 -13.53
C LEU A 33 -13.05 13.96 -12.55
N GLU A 34 -14.29 13.93 -13.07
CA GLU A 34 -15.55 14.15 -12.36
CA GLU A 34 -15.49 14.21 -12.28
C GLU A 34 -15.91 13.08 -11.32
N SER A 35 -15.35 11.88 -11.49
CA SER A 35 -15.60 10.75 -10.57
C SER A 35 -14.58 10.62 -9.44
N VAL A 36 -13.55 11.41 -9.48
CA VAL A 36 -12.48 11.39 -8.45
C VAL A 36 -12.46 12.64 -7.55
N GLU A 37 -11.85 12.48 -6.38
CA GLU A 37 -11.69 13.54 -5.37
C GLU A 37 -10.41 13.34 -4.55
N LYS A 38 -10.04 14.31 -3.72
CA LYS A 38 -8.98 14.07 -2.74
C LYS A 38 -9.25 12.78 -2.02
N GLY A 39 -8.26 11.92 -1.89
CA GLY A 39 -8.42 10.66 -1.16
C GLY A 39 -8.87 9.50 -2.02
N THR A 40 -9.29 9.78 -3.27
CA THR A 40 -9.62 8.66 -4.16
C THR A 40 -8.37 7.74 -4.31
N VAL A 41 -8.57 6.43 -4.16
CA VAL A 41 -7.52 5.44 -4.44
C VAL A 41 -7.91 4.78 -5.76
N MET A 42 -7.06 4.93 -6.78
CA MET A 42 -7.39 4.43 -8.08
C MET A 42 -6.10 3.90 -8.67
N LEU A 43 -6.18 3.33 -9.87
CA LEU A 43 -5.00 2.78 -10.52
C LEU A 43 -4.48 3.73 -11.59
N VAL A 44 -3.19 3.98 -11.52
CA VAL A 44 -2.53 4.76 -12.54
C VAL A 44 -1.44 3.87 -13.09
N ASN A 45 -1.46 3.58 -14.39
CA ASN A 45 -0.56 2.51 -14.93
C ASN A 45 -0.57 1.26 -14.07
N GLY A 46 -1.75 0.88 -13.58
CA GLY A 46 -1.92 -0.36 -12.79
C GLY A 46 -1.53 -0.22 -11.33
N CYS A 47 -1.04 0.96 -10.95
CA CYS A 47 -0.51 1.12 -9.59
C CYS A 47 -1.51 1.87 -8.75
N SER A 48 -1.86 1.28 -7.61
CA SER A 48 -2.73 1.96 -6.63
C SER A 48 -2.08 3.19 -5.99
N LEU A 49 -2.71 4.37 -6.16
CA LEU A 49 -2.18 5.64 -5.68
C LEU A 49 -3.36 6.46 -5.15
N THR A 50 -3.06 7.41 -4.25
CA THR A 50 -4.09 8.27 -3.63
C THR A 50 -4.01 9.68 -4.22
N VAL A 51 -5.13 10.19 -4.70
CA VAL A 51 -5.22 11.60 -5.10
C VAL A 51 -4.93 12.50 -3.90
N VAL A 52 -3.94 13.37 -4.08
CA VAL A 52 -3.50 14.35 -3.08
C VAL A 52 -4.19 15.74 -3.28
N ARG A 53 -4.49 16.08 -4.54
CA ARG A 53 -4.95 17.45 -4.89
C ARG A 53 -5.54 17.38 -6.30
N ILE A 54 -6.55 18.19 -6.55
CA ILE A 54 -7.09 18.38 -7.90
C ILE A 54 -7.27 19.89 -8.14
N SER A 55 -6.72 20.37 -9.25
CA SER A 55 -6.84 21.76 -9.62
C SER A 55 -7.27 21.77 -11.08
N GLY A 56 -8.52 22.17 -11.29
CA GLY A 56 -9.17 22.11 -12.60
C GLY A 56 -9.15 20.66 -13.07
N ASP A 57 -8.49 20.41 -14.21
CA ASP A 57 -8.32 19.03 -14.71
C ASP A 57 -7.01 18.29 -14.37
N VAL A 58 -6.19 18.86 -13.48
CA VAL A 58 -4.91 18.27 -13.10
C VAL A 58 -5.06 17.55 -11.74
N VAL A 59 -4.86 16.23 -11.74
CA VAL A 59 -5.02 15.41 -10.56
C VAL A 59 -3.62 15.00 -10.15
N TYR A 60 -3.30 15.22 -8.88
CA TYR A 60 -1.96 15.03 -8.36
C TYR A 60 -1.85 13.81 -7.48
N PHE A 61 -0.71 13.10 -7.61
CA PHE A 61 -0.41 11.96 -6.76
C PHE A 61 0.99 12.07 -6.25
N ASP A 62 1.23 11.62 -5.01
CA ASP A 62 2.57 11.46 -4.51
C ASP A 62 3.01 10.02 -4.63
N ILE A 63 4.12 9.82 -5.33
CA ILE A 63 4.71 8.50 -5.49
C ILE A 63 5.88 8.45 -4.50
N ASP A 64 5.70 7.59 -3.51
CA ASP A 64 6.61 7.45 -2.41
C ASP A 64 6.82 5.97 -2.09
N GLN A 65 5.83 5.37 -1.44
CA GLN A 65 5.84 3.91 -1.21
C GLN A 65 6.11 3.12 -2.48
N ALA A 66 5.53 3.57 -3.61
CA ALA A 66 5.67 2.83 -4.88
C ALA A 66 6.96 3.13 -5.66
N ILE A 67 7.77 4.10 -5.21
CA ILE A 67 8.79 4.69 -6.08
C ILE A 67 9.87 3.71 -6.57
N ASN A 68 10.10 2.62 -5.82
CA ASN A 68 11.19 1.67 -6.13
C ASN A 68 10.82 0.45 -6.96
N THR A 69 9.51 0.31 -7.22
CA THR A 69 8.97 -0.90 -7.82
C THR A 69 8.05 -0.62 -9.01
N THR A 70 8.10 0.62 -9.52
CA THR A 70 7.22 1.09 -10.61
C THR A 70 8.02 1.97 -11.58
N THR A 71 7.42 2.33 -12.71
CA THR A 71 8.13 3.15 -13.71
C THR A 71 8.04 4.66 -13.46
N PHE A 72 7.26 5.10 -12.46
CA PHE A 72 6.99 6.53 -12.30
C PHE A 72 8.25 7.40 -12.22
N ARG A 73 9.27 6.94 -11.50
CA ARG A 73 10.51 7.70 -11.30
C ARG A 73 11.16 8.14 -12.62
N GLU A 74 10.94 7.36 -13.68
CA GLU A 74 11.50 7.64 -15.01
C GLU A 74 10.53 8.18 -16.07
N LEU A 75 9.29 8.45 -15.67
CA LEU A 75 8.33 9.06 -16.59
C LEU A 75 8.60 10.54 -16.84
N GLU A 76 8.07 11.04 -17.94
CA GLU A 76 8.38 12.37 -18.39
C GLU A 76 7.10 13.13 -18.64
N VAL A 77 7.16 14.46 -18.50
CA VAL A 77 6.03 15.31 -18.87
C VAL A 77 5.57 14.98 -20.28
N GLY A 78 4.26 14.95 -20.48
CA GLY A 78 3.69 14.53 -21.77
C GLY A 78 3.38 13.06 -21.92
N ASN A 79 3.92 12.21 -21.03
CA ASN A 79 3.71 10.79 -21.17
C ASN A 79 2.25 10.47 -20.80
N LYS A 80 1.73 9.41 -21.40
CA LYS A 80 0.34 8.96 -21.24
C LYS A 80 0.28 7.83 -20.24
N VAL A 81 -0.61 7.95 -19.25
CA VAL A 81 -0.67 6.92 -18.20
C VAL A 81 -2.04 6.28 -18.29
N ASN A 82 -2.18 5.02 -17.89
CA ASN A 82 -3.53 4.39 -17.91
C ASN A 82 -4.28 4.71 -16.65
N LEU A 83 -5.58 4.98 -16.76
CA LEU A 83 -6.36 5.32 -15.57
C LEU A 83 -7.52 4.33 -15.35
N GLU A 84 -7.74 3.93 -14.11
CA GLU A 84 -8.92 3.11 -13.76
C GLU A 84 -9.40 3.42 -12.36
N VAL A 85 -10.68 3.79 -12.28
CA VAL A 85 -11.37 4.06 -11.00
C VAL A 85 -12.07 2.76 -10.61
N ARG A 86 -12.15 2.45 -9.30
CA ARG A 86 -12.79 1.19 -8.88
C ARG A 86 -14.28 1.17 -9.28
N PRO A 87 -14.82 -0.05 -9.53
CA PRO A 87 -16.20 -0.26 -9.93
C PRO A 87 -17.11 0.42 -8.93
N GLU A 88 -18.11 1.11 -9.47
CA GLU A 88 -19.01 1.91 -8.69
C GLU A 88 -19.91 1.07 -7.75
N PHE A 89 -20.56 0.06 -8.32
CA PHE A 89 -21.52 -0.73 -7.55
C PHE A 89 -21.17 -2.21 -7.56
N GLY A 90 -19.88 -2.49 -7.38
CA GLY A 90 -19.37 -3.84 -7.20
C GLY A 90 -18.97 -4.53 -8.48
N SER A 91 -18.23 -5.61 -8.35
CA SER A 91 -17.90 -6.41 -9.51
C SER A 91 -17.69 -7.87 -9.13
N LEU A 92 -17.83 -8.74 -10.12
CA LEU A 92 -17.50 -10.13 -9.94
C LEU A 92 -16.00 -10.28 -10.10
N LEU A 93 -15.36 -10.71 -9.01
CA LEU A 93 -13.92 -10.92 -8.99
C LEU A 93 -13.46 -12.10 -9.88
N GLY A 94 -13.23 -11.84 -11.17
CA GLY A 94 -12.47 -12.78 -12.01
C GLY A 94 -11.06 -13.03 -11.44
N LYS A 95 -10.27 -13.95 -12.00
CA LYS A 95 -9.87 -14.01 -13.40
C LYS A 95 -8.64 -13.06 -13.39
N GLY A 96 -8.76 -11.93 -14.07
CA GLY A 96 -7.70 -10.97 -14.07
C GLY A 96 -7.98 -9.74 -13.23
N ALA A 97 -8.65 -9.92 -12.08
CA ALA A 97 -8.87 -8.77 -11.20
C ALA A 97 -7.52 -8.25 -10.70
N LEU A 98 -7.35 -6.94 -10.64
CA LEU A 98 -6.09 -6.34 -10.19
C LEU A 98 -6.22 -5.76 -8.77
N THR A 99 -5.15 -5.86 -7.99
CA THR A 99 -5.15 -5.22 -6.69
C THR A 99 -4.52 -3.82 -6.76
N GLY A 100 -3.70 -3.59 -7.79
CA GLY A 100 -2.90 -2.35 -7.87
C GLY A 100 -1.59 -2.47 -7.10
N ASN A 101 -1.29 -3.68 -6.62
CA ASN A 101 0.02 -3.93 -6.05
C ASN A 101 1.01 -4.34 -7.13
N ILE A 102 1.85 -3.42 -7.57
CA ILE A 102 2.79 -3.67 -8.68
C ILE A 102 3.98 -4.46 -8.12
N LYS A 103 4.24 -5.61 -8.73
CA LYS A 103 5.25 -6.54 -8.23
C LYS A 103 6.60 -6.03 -8.63
N GLY A 104 6.65 -5.38 -9.79
CA GLY A 104 7.90 -4.76 -10.20
C GLY A 104 7.90 -4.32 -11.63
N VAL A 105 9.02 -3.76 -12.06
CA VAL A 105 9.20 -3.27 -13.43
C VAL A 105 9.79 -4.37 -14.35
N ALA A 106 9.22 -4.50 -15.56
CA ALA A 106 9.79 -5.33 -16.61
C ALA A 106 9.94 -4.50 -17.88
N THR A 107 10.47 -5.12 -18.93
CA THR A 107 10.85 -4.40 -20.14
C THR A 107 10.34 -5.09 -21.40
N VAL A 108 9.77 -4.29 -22.28
CA VAL A 108 9.34 -4.77 -23.61
C VAL A 108 10.55 -5.27 -24.44
N ASP A 109 10.52 -6.56 -24.76
CA ASP A 109 11.48 -7.24 -25.64
C ASP A 109 11.21 -6.94 -27.12
N ASN A 110 9.93 -6.95 -27.48
CA ASN A 110 9.50 -6.90 -28.85
C ASN A 110 8.02 -6.57 -28.94
N ILE A 111 7.67 -5.82 -29.99
CA ILE A 111 6.31 -5.43 -30.32
C ILE A 111 6.05 -5.73 -31.80
N THR A 112 4.95 -6.40 -32.11
CA THR A 112 4.54 -6.56 -33.50
C THR A 112 3.05 -6.28 -33.64
N GLU A 113 2.70 -5.49 -34.66
CA GLU A 113 1.30 -5.22 -34.99
C GLU A 113 0.94 -5.99 -36.23
N GLU A 114 -0.02 -6.90 -36.12
CA GLU A 114 -0.43 -7.72 -37.25
C GLU A 114 -1.68 -8.51 -36.97
N GLU A 115 -2.59 -8.50 -37.93
CA GLU A 115 -3.74 -9.40 -37.98
C GLU A 115 -4.84 -9.06 -36.97
N ASP A 116 -5.03 -7.76 -36.76
CA ASP A 116 -5.97 -7.23 -35.76
C ASP A 116 -5.47 -7.38 -34.32
N ARG A 117 -4.17 -7.63 -34.15
CA ARG A 117 -3.58 -7.95 -32.85
C ARG A 117 -2.42 -7.01 -32.56
N LEU A 118 -2.22 -6.73 -31.28
CA LEU A 118 -0.97 -6.15 -30.77
C LEU A 118 -0.21 -7.20 -29.97
N LYS A 119 0.86 -7.74 -30.56
CA LYS A 119 1.65 -8.77 -29.91
C LYS A 119 2.82 -8.20 -29.13
N VAL A 120 2.80 -8.43 -27.82
CA VAL A 120 3.73 -7.78 -26.90
C VAL A 120 4.51 -8.82 -26.13
N TYR A 121 5.84 -8.74 -26.23
CA TYR A 121 6.77 -9.68 -25.62
C TYR A 121 7.53 -8.94 -24.54
N ILE A 122 7.31 -9.36 -23.30
CA ILE A 122 7.86 -8.70 -22.16
C ILE A 122 8.90 -9.59 -21.48
N LYS A 123 10.10 -9.05 -21.27
CA LYS A 123 11.19 -9.78 -20.58
C LYS A 123 11.16 -9.49 -19.08
N ILE A 124 10.98 -10.57 -18.33
CA ILE A 124 10.82 -10.54 -16.89
C ILE A 124 12.18 -10.63 -16.19
N PRO A 125 12.56 -9.60 -15.40
CA PRO A 125 13.91 -9.69 -14.85
C PRO A 125 14.05 -10.75 -13.76
N LYS A 126 15.30 -11.17 -13.51
CA LYS A 126 15.63 -12.28 -12.60
C LYS A 126 14.85 -12.22 -11.27
N ASP A 127 14.96 -11.10 -10.58
CA ASP A 127 14.23 -11.00 -9.34
C ASP A 127 12.94 -10.26 -9.60
N LEU A 128 11.96 -10.98 -10.14
CA LEU A 128 10.58 -10.54 -10.24
C LEU A 128 9.69 -11.75 -10.44
N LEU A 133 0.91 -19.05 -13.93
CA LEU A 133 1.69 -18.45 -15.01
C LEU A 133 1.01 -18.40 -16.39
N SER A 134 1.34 -19.30 -17.32
CA SER A 134 0.84 -19.16 -18.72
C SER A 134 -0.67 -19.41 -18.88
N GLU A 135 -1.30 -20.00 -17.86
CA GLU A 135 -2.76 -20.09 -17.77
C GLU A 135 -3.36 -18.90 -16.99
N ASP A 136 -2.49 -18.09 -16.39
CA ASP A 136 -2.98 -16.92 -15.67
C ASP A 136 -3.15 -15.70 -16.55
N HIS A 137 -3.65 -14.65 -15.92
CA HIS A 137 -3.61 -13.33 -16.46
C HIS A 137 -2.39 -12.66 -15.88
N ILE A 138 -2.15 -11.47 -16.41
CA ILE A 138 -1.09 -10.65 -15.87
C ILE A 138 -1.57 -9.23 -16.15
N GLY A 139 -1.21 -8.32 -15.27
CA GLY A 139 -1.48 -6.92 -15.46
C GLY A 139 -0.21 -6.26 -15.96
N ILE A 140 -0.33 -5.52 -17.04
CA ILE A 140 0.78 -4.70 -17.56
C ILE A 140 0.27 -3.27 -17.67
N ASN A 141 0.88 -2.34 -16.91
CA ASN A 141 0.39 -0.92 -16.86
C ASN A 141 -1.13 -0.86 -16.59
N GLY A 142 -1.66 -1.81 -15.78
CA GLY A 142 -3.10 -1.82 -15.45
C GLY A 142 -4.06 -2.43 -16.47
N VAL A 143 -3.50 -2.99 -17.54
CA VAL A 143 -4.26 -3.81 -18.48
C VAL A 143 -4.15 -5.28 -18.10
N SER A 144 -5.29 -5.86 -17.70
CA SER A 144 -5.37 -7.29 -17.41
C SER A 144 -5.74 -8.17 -18.62
N HIS A 145 -4.91 -9.16 -18.91
CA HIS A 145 -5.12 -10.00 -20.06
C HIS A 145 -4.49 -11.36 -19.80
N SER A 146 -5.07 -12.42 -20.40
CA SER A 146 -4.45 -13.74 -20.42
C SER A 146 -3.03 -13.71 -21.02
N ILE A 147 -2.13 -14.48 -20.44
CA ILE A 147 -0.80 -14.72 -21.02
C ILE A 147 -0.98 -15.71 -22.16
N GLU A 148 -0.26 -15.49 -23.25
CA GLU A 148 -0.39 -16.34 -24.41
C GLU A 148 0.64 -17.48 -24.37
N GLU A 149 1.90 -17.12 -24.15
CA GLU A 149 2.95 -18.11 -24.01
C GLU A 149 4.06 -17.53 -23.19
N ILE A 150 4.83 -18.41 -22.58
CA ILE A 150 6.05 -18.01 -21.91
C ILE A 150 7.20 -18.86 -22.47
N SER A 151 8.25 -18.20 -22.98
CA SER A 151 9.49 -18.86 -23.41
C SER A 151 10.68 -18.23 -22.70
N ASP A 152 11.47 -19.03 -21.98
CA ASP A 152 12.62 -18.54 -21.18
C ASP A 152 12.15 -17.50 -20.13
N ASP A 153 12.58 -16.25 -20.27
CA ASP A 153 12.17 -15.20 -19.35
C ASP A 153 11.21 -14.24 -20.05
N ILE A 154 10.71 -14.64 -21.20
CA ILE A 154 9.86 -13.75 -21.91
C ILE A 154 8.40 -14.20 -22.01
N ILE A 155 7.56 -13.27 -21.56
CA ILE A 155 6.15 -13.47 -21.65
C ILE A 155 5.49 -12.77 -22.86
N PHE A 156 4.77 -13.59 -23.63
CA PHE A 156 4.04 -13.15 -24.83
C PHE A 156 2.56 -12.91 -24.54
N ILE A 157 2.14 -11.65 -24.70
CA ILE A 157 0.72 -11.29 -24.58
C ILE A 157 0.23 -10.84 -25.94
N ASN A 158 -0.86 -11.44 -26.38
CA ASN A 158 -1.48 -11.13 -27.65
C ASN A 158 -2.76 -10.33 -27.42
N TYR A 159 -2.70 -9.01 -27.63
CA TYR A 159 -3.79 -8.12 -27.28
C TYR A 159 -4.64 -7.82 -28.50
N PRO A 160 -5.97 -7.60 -28.32
CA PRO A 160 -6.73 -7.13 -29.46
C PRO A 160 -6.24 -5.71 -29.81
N LYS A 161 -6.20 -5.38 -31.10
CA LYS A 161 -5.59 -4.10 -31.51
C LYS A 161 -6.25 -2.85 -30.92
N ASN A 162 -7.54 -2.92 -30.62
CA ASN A 162 -8.23 -1.80 -30.00
C ASN A 162 -7.58 -1.27 -28.71
N LEU A 163 -6.86 -2.14 -28.00
CA LEU A 163 -6.15 -1.77 -26.76
C LEU A 163 -4.97 -0.87 -27.09
N SER A 164 -4.58 -0.86 -28.35
CA SER A 164 -3.57 0.06 -28.85
C SER A 164 -4.09 1.48 -28.77
N ILE A 165 -5.40 1.60 -28.95
CA ILE A 165 -6.08 2.87 -29.07
C ILE A 165 -6.41 3.41 -27.68
N THR A 166 -7.05 2.58 -26.85
CA THR A 166 -7.61 3.05 -25.57
C THR A 166 -6.63 2.99 -24.36
N THR A 167 -5.45 2.43 -24.57
CA THR A 167 -4.46 2.39 -23.49
C THR A 167 -3.13 2.82 -24.04
N ASN A 168 -2.14 3.01 -23.15
CA ASN A 168 -0.77 3.29 -23.61
C ASN A 168 0.04 2.10 -24.14
N LEU A 169 -0.59 0.92 -24.29
CA LEU A 169 0.10 -0.24 -24.85
C LEU A 169 0.59 0.06 -26.29
N GLY A 170 -0.18 0.89 -26.99
CA GLY A 170 0.12 1.32 -28.34
C GLY A 170 1.23 2.34 -28.47
N THR A 171 1.79 2.81 -27.34
CA THR A 171 3.00 3.64 -27.32
C THR A 171 4.25 2.84 -26.96
N LEU A 172 4.11 1.55 -26.64
CA LEU A 172 5.22 0.76 -26.14
C LEU A 172 6.16 0.42 -27.30
N GLU A 173 7.46 0.43 -27.02
CA GLU A 173 8.49 0.09 -27.99
C GLU A 173 9.40 -0.94 -27.35
N LYS A 174 10.22 -1.62 -28.15
CA LYS A 174 11.36 -2.35 -27.60
C LYS A 174 12.13 -1.46 -26.64
N GLY A 175 12.31 -1.92 -25.42
CA GLY A 175 13.04 -1.16 -24.41
C GLY A 175 12.17 -0.36 -23.45
N SER A 176 10.89 -0.23 -23.75
CA SER A 176 9.94 0.40 -22.81
C SER A 176 9.83 -0.38 -21.51
N ASP A 177 9.93 0.31 -20.37
CA ASP A 177 9.63 -0.31 -19.07
C ASP A 177 8.13 -0.25 -18.79
N VAL A 178 7.62 -1.26 -18.07
CA VAL A 178 6.18 -1.39 -17.75
C VAL A 178 6.00 -1.85 -16.29
N ASN A 179 4.82 -1.58 -15.71
CA ASN A 179 4.52 -2.00 -14.34
C ASN A 179 3.89 -3.37 -14.45
N VAL A 180 4.43 -4.37 -13.79
CA VAL A 180 3.82 -5.71 -13.85
C VAL A 180 3.06 -6.05 -12.57
N GLU A 181 1.79 -6.44 -12.71
CA GLU A 181 1.12 -7.11 -11.59
C GLU A 181 0.89 -8.59 -11.94
N THR A 182 1.45 -9.46 -11.10
CA THR A 182 1.20 -10.90 -11.24
C THR A 182 0.04 -11.28 -10.32
N LEU A 183 -0.68 -12.32 -10.74
CA LEU A 183 -1.98 -12.68 -10.21
C LEU A 183 -2.00 -14.18 -10.16
N ASN A 184 -1.38 -14.77 -9.14
CA ASN A 184 -0.77 -14.03 -8.04
C ASN A 184 0.23 -14.97 -7.36
N MET B 1 8.43 12.39 11.86
CA MET B 1 6.99 12.07 12.15
C MET B 1 6.26 11.36 11.00
N PHE B 2 5.21 10.65 11.35
CA PHE B 2 4.56 9.68 10.49
C PHE B 2 3.08 10.02 10.31
N LYS B 3 2.47 9.52 9.24
CA LYS B 3 1.08 9.78 8.92
C LYS B 3 0.12 8.89 9.73
N GLY B 4 0.65 7.81 10.34
CA GLY B 4 -0.21 6.79 10.93
C GLY B 4 -1.16 6.18 9.90
N ILE B 5 -0.64 6.02 8.68
CA ILE B 5 -1.33 5.26 7.65
C ILE B 5 -0.44 4.03 7.39
N VAL B 6 -0.94 2.86 7.77
CA VAL B 6 -0.18 1.62 7.62
C VAL B 6 0.03 1.30 6.15
N GLN B 7 1.27 0.97 5.78
CA GLN B 7 1.67 0.76 4.37
C GLN B 7 1.66 -0.70 3.98
N GLY B 8 1.75 -1.57 4.97
CA GLY B 8 1.69 -3.02 4.73
C GLY B 8 1.87 -3.80 6.01
N ALA B 9 1.96 -5.12 5.86
CA ALA B 9 1.91 -6.06 6.94
C ALA B 9 3.25 -6.76 7.01
N GLY B 10 3.82 -6.86 8.21
CA GLY B 10 4.97 -7.73 8.41
C GLY B 10 4.54 -8.99 9.16
N ILE B 11 5.26 -10.07 9.02
CA ILE B 11 4.96 -11.31 9.76
C ILE B 11 6.21 -11.62 10.54
N ILE B 12 6.08 -11.75 11.87
CA ILE B 12 7.24 -12.02 12.72
C ILE B 12 7.76 -13.44 12.36
N LYS B 13 9.05 -13.56 12.03
CA LYS B 13 9.61 -14.85 11.64
C LYS B 13 10.50 -15.42 12.72
N LYS B 14 11.09 -14.55 13.52
CA LYS B 14 12.02 -14.98 14.56
C LYS B 14 11.96 -14.02 15.73
N ILE B 15 12.01 -14.58 16.93
CA ILE B 15 12.18 -13.80 18.14
C ILE B 15 13.31 -14.38 18.99
N SER B 16 14.35 -13.59 19.22
CA SER B 16 15.48 -13.98 20.06
C SER B 16 15.46 -13.08 21.29
N LYS B 17 15.39 -13.71 22.46
CA LYS B 17 15.34 -12.99 23.73
C LYS B 17 16.69 -13.07 24.42
N ASN B 18 16.83 -12.28 25.50
CA ASN B 18 18.07 -12.21 26.27
C ASN B 18 19.09 -11.22 25.71
N ASP B 19 19.51 -10.27 26.55
CA ASP B 19 19.23 -10.27 28.01
C ASP B 19 17.83 -9.77 28.35
N ASP B 20 17.70 -8.47 28.61
CA ASP B 20 16.41 -7.79 28.80
C ASP B 20 15.98 -7.07 27.49
N THR B 21 16.35 -7.70 26.37
CA THR B 21 16.13 -7.21 25.01
C THR B 21 15.59 -8.39 24.22
N GLN B 22 14.85 -8.11 23.14
CA GLN B 22 14.45 -9.14 22.18
C GLN B 22 14.76 -8.58 20.81
N ARG B 23 15.32 -9.42 19.94
CA ARG B 23 15.44 -9.12 18.52
C ARG B 23 14.33 -9.85 17.75
N HIS B 24 13.55 -9.07 17.01
CA HIS B 24 12.47 -9.56 16.17
C HIS B 24 12.90 -9.46 14.72
N GLY B 25 12.91 -10.59 14.02
CA GLY B 25 13.15 -10.60 12.57
C GLY B 25 11.78 -10.69 11.95
N ILE B 26 11.53 -9.82 10.97
CA ILE B 26 10.17 -9.63 10.46
C ILE B 26 10.17 -9.65 8.92
N THR B 27 9.36 -10.52 8.32
CA THR B 27 9.27 -10.65 6.88
C THR B 27 8.50 -9.46 6.32
N PHE B 28 9.11 -8.74 5.37
CA PHE B 28 8.53 -7.55 4.79
C PHE B 28 7.98 -7.82 3.37
N PRO B 29 6.93 -7.10 2.98
CA PRO B 29 6.57 -7.07 1.54
C PRO B 29 7.67 -6.34 0.76
N LYS B 30 7.77 -6.62 -0.54
CA LYS B 30 8.81 -6.07 -1.39
C LYS B 30 8.94 -4.56 -1.39
N ASP B 31 7.83 -3.84 -1.56
CA ASP B 31 7.94 -2.39 -1.69
C ASP B 31 8.48 -1.73 -0.42
N ILE B 32 7.93 -2.12 0.74
CA ILE B 32 8.47 -1.66 2.00
C ILE B 32 9.93 -2.12 2.19
N LEU B 33 10.24 -3.38 1.91
CA LEU B 33 11.62 -3.86 1.92
C LEU B 33 12.53 -2.91 1.13
N GLU B 34 12.14 -2.54 -0.09
CA GLU B 34 13.00 -1.67 -0.94
C GLU B 34 13.12 -0.23 -0.45
N SER B 35 12.24 0.15 0.49
CA SER B 35 12.28 1.49 1.05
C SER B 35 13.10 1.59 2.32
N VAL B 36 13.55 0.46 2.85
CA VAL B 36 14.37 0.50 4.08
C VAL B 36 15.80 -0.01 3.89
N GLU B 37 16.67 0.34 4.83
CA GLU B 37 18.03 -0.22 4.85
C GLU B 37 18.43 -0.24 6.32
N LYS B 38 19.64 -0.74 6.64
CA LYS B 38 20.14 -0.63 8.00
C LYS B 38 20.16 0.80 8.46
N GLY B 39 19.66 1.05 9.64
CA GLY B 39 19.61 2.41 10.16
C GLY B 39 18.28 3.12 9.98
N THR B 40 17.41 2.58 9.14
CA THR B 40 16.09 3.18 8.92
C THR B 40 15.26 3.17 10.20
N VAL B 41 14.75 4.32 10.59
CA VAL B 41 13.81 4.39 11.69
C VAL B 41 12.40 4.40 11.09
N MET B 42 11.58 3.44 11.50
CA MET B 42 10.24 3.34 10.92
C MET B 42 9.29 2.88 12.05
N LEU B 43 7.98 2.83 11.76
CA LEU B 43 6.99 2.36 12.74
C LEU B 43 6.64 0.88 12.56
N VAL B 44 6.75 0.13 13.65
CA VAL B 44 6.29 -1.25 13.66
C VAL B 44 5.20 -1.28 14.74
N ASN B 45 3.97 -1.67 14.37
CA ASN B 45 2.83 -1.48 15.25
C ASN B 45 2.85 -0.09 15.91
N GLY B 46 3.18 0.96 15.12
CA GLY B 46 3.13 2.31 15.66
C GLY B 46 4.33 2.70 16.49
N CYS B 47 5.29 1.79 16.70
CA CYS B 47 6.43 2.08 17.58
C CYS B 47 7.65 2.36 16.74
N SER B 48 8.30 3.49 17.01
CA SER B 48 9.51 3.86 16.28
C SER B 48 10.67 2.96 16.68
N LEU B 49 11.23 2.26 15.70
CA LEU B 49 12.32 1.32 15.91
C LEU B 49 13.26 1.46 14.76
N THR B 50 14.51 1.07 15.00
CA THR B 50 15.64 1.14 14.03
C THR B 50 15.98 -0.22 13.45
N VAL B 51 16.04 -0.31 12.13
CA VAL B 51 16.53 -1.51 11.48
C VAL B 51 18.01 -1.82 11.84
N VAL B 52 18.27 -3.00 12.38
CA VAL B 52 19.64 -3.34 12.81
C VAL B 52 20.30 -4.27 11.81
N ARG B 53 19.50 -4.95 11.00
CA ARG B 53 20.03 -5.98 10.11
C ARG B 53 18.94 -6.38 9.12
N ILE B 54 19.32 -6.66 7.88
CA ILE B 54 18.40 -7.22 6.88
C ILE B 54 19.00 -8.44 6.20
N SER B 55 18.26 -9.51 6.15
CA SER B 55 18.68 -10.65 5.36
C SER B 55 17.53 -11.14 4.48
N GLY B 56 17.68 -10.94 3.17
CA GLY B 56 16.62 -11.35 2.25
C GLY B 56 15.43 -10.46 2.51
N ASP B 57 14.26 -11.04 2.72
CA ASP B 57 13.11 -10.19 3.06
C ASP B 57 12.81 -10.10 4.57
N VAL B 58 13.75 -10.56 5.40
CA VAL B 58 13.61 -10.50 6.87
C VAL B 58 14.38 -9.31 7.43
N VAL B 59 13.64 -8.42 8.12
CA VAL B 59 14.13 -7.15 8.63
C VAL B 59 14.11 -7.23 10.19
N TYR B 60 15.29 -7.01 10.78
CA TYR B 60 15.50 -7.17 12.21
C TYR B 60 15.53 -5.86 12.98
N PHE B 61 15.03 -5.91 14.22
CA PHE B 61 14.91 -4.77 15.14
C PHE B 61 15.26 -5.28 16.53
N ASP B 62 16.02 -4.50 17.30
CA ASP B 62 16.31 -4.85 18.72
C ASP B 62 15.30 -4.07 19.56
N ILE B 63 14.47 -4.79 20.30
CA ILE B 63 13.49 -4.09 21.14
C ILE B 63 14.16 -3.93 22.48
N ASP B 64 14.49 -2.70 22.85
CA ASP B 64 15.13 -2.48 24.12
C ASP B 64 14.56 -1.33 24.91
N GLN B 65 14.85 -0.08 24.52
CA GLN B 65 14.19 1.13 25.11
C GLN B 65 12.69 0.86 25.19
N ALA B 66 12.14 0.24 24.14
CA ALA B 66 10.68 0.08 24.03
C ALA B 66 10.10 -1.13 24.80
N ILE B 67 10.96 -1.96 25.39
CA ILE B 67 10.56 -3.32 25.85
C ILE B 67 9.42 -3.35 26.89
N ASN B 68 9.40 -2.34 27.77
CA ASN B 68 8.47 -2.23 28.91
C ASN B 68 7.18 -1.51 28.66
N THR B 69 7.05 -0.89 27.50
CA THR B 69 5.94 0.01 27.25
C THR B 69 5.21 -0.30 25.94
N THR B 70 5.44 -1.49 25.40
CA THR B 70 4.85 -1.90 24.12
C THR B 70 4.47 -3.36 24.19
N THR B 71 3.87 -3.89 23.14
CA THR B 71 3.37 -5.26 23.16
C THR B 71 4.42 -6.27 22.68
N PHE B 72 5.55 -5.81 22.14
CA PHE B 72 6.51 -6.73 21.50
C PHE B 72 6.88 -7.95 22.36
N ARG B 73 7.07 -7.72 23.64
CA ARG B 73 7.58 -8.78 24.52
C ARG B 73 6.59 -9.93 24.72
N GLU B 74 5.35 -9.75 24.30
CA GLU B 74 4.35 -10.82 24.32
C GLU B 74 3.95 -11.36 22.94
N LEU B 75 4.47 -10.72 21.90
CA LEU B 75 4.21 -11.22 20.55
C LEU B 75 4.85 -12.61 20.28
N GLU B 76 4.34 -13.29 19.26
CA GLU B 76 4.82 -14.60 18.87
C GLU B 76 5.17 -14.65 17.38
N VAL B 77 6.06 -15.59 17.02
CA VAL B 77 6.36 -15.91 15.63
C VAL B 77 5.03 -16.16 14.88
N GLY B 78 4.88 -15.57 13.69
CA GLY B 78 3.64 -15.74 12.91
C GLY B 78 2.68 -14.56 13.09
N ASN B 79 2.89 -13.75 14.12
CA ASN B 79 2.03 -12.58 14.33
C ASN B 79 2.22 -11.56 13.22
N LYS B 80 1.13 -10.87 12.88
CA LYS B 80 1.11 -9.86 11.84
C LYS B 80 1.28 -8.46 12.45
N VAL B 81 2.20 -7.65 11.90
CA VAL B 81 2.47 -6.31 12.43
C VAL B 81 2.25 -5.25 11.37
N ASN B 82 1.85 -4.03 11.80
CA ASN B 82 1.66 -2.91 10.88
C ASN B 82 2.99 -2.25 10.60
N LEU B 83 3.23 -1.92 9.33
CA LEU B 83 4.48 -1.26 8.93
C LEU B 83 4.20 0.11 8.30
N GLU B 84 4.98 1.11 8.70
CA GLU B 84 4.94 2.39 8.02
C GLU B 84 6.36 2.98 7.97
N VAL B 85 6.81 3.34 6.76
CA VAL B 85 8.10 4.00 6.58
C VAL B 85 7.81 5.47 6.32
N ARG B 86 8.57 6.37 6.94
CA ARG B 86 8.57 7.76 6.40
C ARG B 86 9.97 8.25 5.99
N GLY B 94 -2.68 14.95 8.54
CA GLY B 94 -1.92 15.99 9.21
C GLY B 94 -2.18 15.95 10.71
N LYS B 95 -3.45 16.02 11.07
CA LYS B 95 -3.94 16.03 12.47
C LYS B 95 -3.59 14.74 13.24
N GLY B 96 -3.67 13.60 12.55
CA GLY B 96 -3.43 12.31 13.19
C GLY B 96 -1.99 11.83 13.11
N ALA B 97 -1.08 12.74 12.76
CA ALA B 97 0.37 12.44 12.62
C ALA B 97 0.93 11.78 13.89
N LEU B 98 1.67 10.70 13.70
CA LEU B 98 2.23 9.97 14.82
C LEU B 98 3.72 10.24 14.95
N THR B 99 4.19 10.24 16.20
CA THR B 99 5.61 10.34 16.54
C THR B 99 6.31 8.99 16.63
N GLY B 100 5.57 7.91 16.95
CA GLY B 100 6.21 6.61 17.14
C GLY B 100 6.64 6.39 18.59
N ASN B 101 6.30 7.36 19.43
CA ASN B 101 6.51 7.19 20.85
C ASN B 101 5.27 6.63 21.51
N ILE B 102 5.30 5.33 21.81
CA ILE B 102 4.12 4.67 22.35
C ILE B 102 3.96 5.06 23.80
N LYS B 103 2.76 5.49 24.17
CA LYS B 103 2.50 6.06 25.49
C LYS B 103 2.04 5.01 26.50
N GLY B 104 1.51 3.87 26.00
CA GLY B 104 1.17 2.74 26.84
C GLY B 104 0.59 1.58 26.04
N VAL B 105 0.33 0.50 26.75
CA VAL B 105 -0.22 -0.72 26.18
C VAL B 105 -1.69 -0.70 26.69
N ALA B 106 -2.64 -0.81 25.78
CA ALA B 106 -4.04 -0.84 26.14
C ALA B 106 -4.55 -2.21 25.74
N THR B 107 -5.77 -2.53 26.14
CA THR B 107 -6.35 -3.87 25.96
C THR B 107 -7.74 -3.75 25.30
N VAL B 108 -7.94 -4.52 24.23
CA VAL B 108 -9.24 -4.54 23.54
C VAL B 108 -10.36 -5.03 24.49
N ASP B 109 -11.41 -4.24 24.62
CA ASP B 109 -12.56 -4.61 25.49
C ASP B 109 -13.61 -5.40 24.67
N ASN B 110 -13.80 -4.96 23.42
CA ASN B 110 -14.71 -5.64 22.53
C ASN B 110 -14.35 -5.31 21.08
N ILE B 111 -14.51 -6.29 20.19
CA ILE B 111 -14.38 -6.02 18.74
C ILE B 111 -15.54 -6.65 17.98
N THR B 112 -16.29 -5.85 17.23
CA THR B 112 -17.39 -6.41 16.47
C THR B 112 -17.21 -6.14 14.98
N GLU B 113 -17.17 -7.22 14.21
CA GLU B 113 -17.02 -7.07 12.79
C GLU B 113 -18.36 -7.06 12.08
N GLU B 114 -18.54 -6.12 11.18
CA GLU B 114 -19.76 -6.05 10.42
C GLU B 114 -19.36 -6.13 8.97
N GLU B 115 -20.31 -6.00 8.07
CA GLU B 115 -19.94 -6.04 6.65
C GLU B 115 -18.96 -4.94 6.26
N ASP B 116 -19.25 -3.71 6.66
CA ASP B 116 -18.43 -2.56 6.20
C ASP B 116 -17.60 -1.82 7.27
N ARG B 117 -17.66 -2.31 8.51
CA ARG B 117 -17.08 -1.63 9.68
C ARG B 117 -16.41 -2.68 10.57
N LEU B 118 -15.34 -2.28 11.24
CA LEU B 118 -14.80 -3.01 12.37
C LEU B 118 -14.95 -2.08 13.59
N LYS B 119 -15.79 -2.48 14.53
CA LYS B 119 -16.11 -1.63 15.64
C LYS B 119 -15.30 -2.06 16.85
N VAL B 120 -14.40 -1.17 17.29
CA VAL B 120 -13.38 -1.57 18.24
C VAL B 120 -13.43 -0.72 19.52
N TYR B 121 -13.51 -1.41 20.65
CA TYR B 121 -13.67 -0.80 21.95
C TYR B 121 -12.40 -1.15 22.71
N ILE B 122 -11.69 -0.13 23.20
CA ILE B 122 -10.37 -0.30 23.81
C ILE B 122 -10.26 0.31 25.21
N LYS B 123 -9.79 -0.48 26.18
CA LYS B 123 -9.65 0.02 27.56
C LYS B 123 -8.31 0.69 27.65
N ILE B 124 -8.33 2.00 27.87
CA ILE B 124 -7.15 2.86 27.89
C ILE B 124 -6.55 2.93 29.30
N PRO B 125 -5.22 2.80 29.44
CA PRO B 125 -4.59 2.98 30.74
C PRO B 125 -5.08 4.24 31.44
N LYS B 126 -5.29 4.10 32.74
CA LYS B 126 -5.80 5.20 33.58
C LYS B 126 -4.94 6.47 33.44
N ASP B 127 -3.62 6.30 33.47
CA ASP B 127 -2.69 7.44 33.25
C ASP B 127 -2.84 8.27 31.95
N LEU B 128 -3.60 7.76 30.96
CA LEU B 128 -3.80 8.44 29.64
C LEU B 128 -5.19 9.05 29.37
N ILE B 129 -6.20 8.65 30.14
CA ILE B 129 -7.60 8.93 29.77
C ILE B 129 -8.08 10.39 30.05
N GLU B 130 -7.40 11.07 30.98
CA GLU B 130 -7.81 12.43 31.34
C GLU B 130 -7.63 13.41 30.18
N ASN B 131 -6.69 13.14 29.26
CA ASN B 131 -6.43 14.07 28.15
C ASN B 131 -7.22 13.85 26.87
N ILE B 132 -8.01 12.77 26.84
CA ILE B 132 -8.68 12.21 25.64
C ILE B 132 -10.19 12.55 25.59
N LEU B 133 -10.63 13.12 24.48
CA LEU B 133 -12.06 13.35 24.24
C LEU B 133 -12.46 12.70 22.93
N SER B 134 -13.76 12.36 22.81
CA SER B 134 -14.35 11.97 21.53
C SER B 134 -13.89 12.92 20.47
N GLU B 135 -13.68 12.38 19.27
CA GLU B 135 -13.20 13.13 18.09
C GLU B 135 -11.73 13.47 18.05
N ASP B 136 -11.01 13.29 19.16
CA ASP B 136 -9.53 13.25 19.13
C ASP B 136 -9.06 12.12 18.21
N HIS B 137 -7.97 12.35 17.50
CA HIS B 137 -7.27 11.27 16.80
C HIS B 137 -6.40 10.50 17.82
N ILE B 138 -6.15 9.23 17.54
CA ILE B 138 -5.34 8.38 18.42
C ILE B 138 -4.69 7.27 17.58
N GLY B 139 -3.45 6.91 17.92
CA GLY B 139 -2.79 5.84 17.21
C GLY B 139 -2.98 4.54 17.96
N ILE B 140 -3.43 3.51 17.27
CA ILE B 140 -3.57 2.15 17.83
C ILE B 140 -2.76 1.23 16.92
N ASN B 141 -1.69 0.65 17.45
CA ASN B 141 -0.74 -0.12 16.63
C ASN B 141 -0.30 0.60 15.36
N GLY B 142 -0.22 1.94 15.44
CA GLY B 142 0.22 2.78 14.33
C GLY B 142 -0.87 3.12 13.33
N VAL B 143 -2.10 2.70 13.62
CA VAL B 143 -3.26 3.17 12.85
C VAL B 143 -3.83 4.42 13.55
N SER B 144 -3.80 5.54 12.85
CA SER B 144 -4.32 6.80 13.37
C SER B 144 -5.73 6.97 12.88
N HIS B 145 -6.67 7.24 13.80
CA HIS B 145 -8.08 7.39 13.40
C HIS B 145 -8.76 8.17 14.52
N SER B 146 -9.87 8.84 14.22
CA SER B 146 -10.59 9.55 15.29
C SER B 146 -11.36 8.62 16.23
N ILE B 147 -11.56 9.06 17.45
CA ILE B 147 -12.31 8.32 18.45
C ILE B 147 -13.78 8.75 18.29
N GLU B 148 -14.67 7.76 18.20
CA GLU B 148 -16.11 7.97 18.03
C GLU B 148 -16.74 8.43 19.35
N GLU B 149 -16.52 7.63 20.38
CA GLU B 149 -17.03 7.93 21.71
C GLU B 149 -16.09 7.42 22.79
N ILE B 150 -16.26 7.99 23.98
CA ILE B 150 -15.55 7.52 25.15
C ILE B 150 -16.50 7.46 26.38
N SER B 151 -16.57 6.29 26.99
CA SER B 151 -17.31 6.05 28.22
C SER B 151 -16.33 5.51 29.26
N ASP B 152 -16.00 6.36 30.23
CA ASP B 152 -14.99 6.10 31.22
C ASP B 152 -13.61 5.84 30.59
N ASP B 153 -13.00 4.70 30.87
CA ASP B 153 -11.68 4.43 30.30
C ASP B 153 -11.75 3.63 29.00
N ILE B 154 -12.97 3.43 28.47
CA ILE B 154 -13.07 2.75 27.20
C ILE B 154 -13.47 3.60 26.03
N ILE B 155 -12.64 3.50 25.01
CA ILE B 155 -12.83 4.31 23.83
C ILE B 155 -13.40 3.48 22.71
N PHE B 156 -14.28 4.10 21.93
CA PHE B 156 -14.89 3.47 20.76
C PHE B 156 -14.32 4.06 19.44
N ILE B 157 -13.70 3.19 18.62
CA ILE B 157 -13.23 3.56 17.29
C ILE B 157 -13.95 2.69 16.23
N ASN B 158 -14.57 3.38 15.28
CA ASN B 158 -15.41 2.74 14.29
C ASN B 158 -14.65 2.76 12.97
N TYR B 159 -13.86 1.72 12.71
CA TYR B 159 -13.01 1.72 11.53
C TYR B 159 -13.81 1.25 10.32
N PRO B 160 -13.77 2.05 9.22
CA PRO B 160 -14.42 1.52 8.01
C PRO B 160 -13.55 0.39 7.54
N LYS B 161 -14.12 -0.71 7.07
CA LYS B 161 -13.18 -1.75 6.76
C LYS B 161 -12.39 -1.62 5.45
N ASN B 162 -12.73 -0.63 4.60
CA ASN B 162 -11.76 -0.30 3.50
C ASN B 162 -10.41 0.19 4.06
N LEU B 163 -10.43 0.67 5.30
CA LEU B 163 -9.21 1.01 6.03
C LEU B 163 -8.65 -0.16 6.86
N SER B 164 -9.50 -0.79 7.67
CA SER B 164 -9.01 -1.80 8.62
C SER B 164 -8.39 -3.02 7.91
N ILE B 165 -8.88 -3.34 6.71
CA ILE B 165 -8.35 -4.47 5.94
C ILE B 165 -6.87 -4.33 5.54
N THR B 166 -6.41 -3.08 5.43
CA THR B 166 -5.02 -2.78 5.12
C THR B 166 -4.10 -2.82 6.35
N THR B 167 -4.61 -3.33 7.49
CA THR B 167 -3.90 -3.35 8.79
C THR B 167 -4.08 -4.69 9.52
N ASN B 168 -3.44 -4.87 10.68
CA ASN B 168 -3.62 -6.06 11.52
C ASN B 168 -4.83 -5.95 12.49
N LEU B 169 -5.66 -4.93 12.32
CA LEU B 169 -6.79 -4.74 13.25
C LEU B 169 -7.76 -5.91 13.27
N GLY B 170 -7.86 -6.59 12.14
CA GLY B 170 -8.73 -7.77 12.02
C GLY B 170 -8.23 -8.98 12.80
N THR B 171 -6.95 -8.97 13.19
CA THR B 171 -6.40 -10.06 14.04
C THR B 171 -6.78 -9.93 15.53
N LEU B 172 -7.29 -8.77 15.94
CA LEU B 172 -7.50 -8.50 17.35
C LEU B 172 -8.76 -9.21 17.90
N GLU B 173 -8.72 -9.55 19.19
CA GLU B 173 -9.90 -10.08 19.89
C GLU B 173 -10.04 -9.43 21.26
N LYS B 174 -11.16 -9.64 21.95
CA LYS B 174 -11.18 -9.20 23.36
C LYS B 174 -9.92 -9.73 24.09
N GLY B 175 -9.28 -8.87 24.88
CA GLY B 175 -8.07 -9.29 25.60
C GLY B 175 -6.79 -9.07 24.84
N SER B 176 -6.86 -8.71 23.57
CA SER B 176 -5.63 -8.39 22.81
C SER B 176 -5.02 -7.05 23.33
N ASP B 177 -3.73 -7.03 23.60
CA ASP B 177 -3.05 -5.79 23.92
C ASP B 177 -2.62 -5.05 22.62
N VAL B 178 -2.60 -3.72 22.68
CA VAL B 178 -2.18 -2.89 21.54
C VAL B 178 -1.30 -1.76 22.06
N ASN B 179 -0.45 -1.22 21.16
CA ASN B 179 0.35 -0.03 21.44
C ASN B 179 -0.50 1.21 21.22
N VAL B 180 -0.61 2.08 22.21
CA VAL B 180 -1.43 3.30 22.08
C VAL B 180 -0.47 4.47 22.06
N GLU B 181 -0.65 5.35 21.08
CA GLU B 181 -0.05 6.68 21.06
C GLU B 181 -1.17 7.71 21.10
N THR B 182 -1.24 8.42 22.22
CA THR B 182 -2.15 9.54 22.37
C THR B 182 -1.48 10.79 21.77
N LEU B 183 -2.29 11.67 21.21
CA LEU B 183 -1.78 12.85 20.54
C LEU B 183 -1.96 14.12 21.45
N ASN B 184 -1.14 15.15 21.27
CA ASN B 184 -1.28 16.42 22.06
C ASN B 184 -1.02 16.44 23.58
C7 DLZ C . -1.58 1.22 -1.80
C7A DLZ C . -1.15 2.51 -2.10
C5A DLZ C . -2.07 3.56 -2.00
C6 DLZ C . -3.40 3.30 -1.64
N5 DLZ C . -1.63 4.88 -2.26
C4A DLZ C . -0.29 5.16 -2.66
C4 DLZ C . 0.19 6.44 -3.00
O4 DLZ C . -0.49 7.46 -3.00
N3 DLZ C . 1.51 6.62 -3.34
C2 DLZ C . 2.38 5.54 -3.37
O2 DLZ C . 3.55 5.69 -3.67
N1 DLZ C . 1.91 4.30 -3.08
C8 DLZ C . 0.60 4.09 -2.75
N8 DLZ C . 0.21 2.80 -2.44
C1' DLZ C . 1.24 1.74 -2.55
C2' DLZ C . 1.54 1.30 -4.00
O2' DLZ C . 0.35 0.83 -4.67
C3' DLZ C . 2.53 0.15 -3.94
O3' DLZ C . 3.65 0.65 -3.24
C4' DLZ C . 3.00 -0.34 -5.30
O4' DLZ C . 1.97 -0.97 -6.07
C5' DLZ C . 4.14 -1.35 -5.12
O5' DLZ C . 4.74 -1.48 -6.41
C7 DLZ D . 12.99 6.08 19.19
C7A DLZ D . 13.47 4.77 19.04
C5A DLZ D . 14.20 4.38 17.91
C6 DLZ D . 14.53 5.26 16.86
N5 DLZ D . 14.64 3.05 17.81
C4A DLZ D . 14.35 2.14 18.80
C4 DLZ D . 14.79 0.81 18.69
O4 DLZ D . 15.41 0.43 17.71
N3 DLZ D . 14.53 -0.09 19.73
C2 DLZ D . 13.77 0.31 20.86
O2 DLZ D . 13.50 -0.48 21.77
N1 DLZ D . 13.35 1.62 20.94
C8 DLZ D . 13.63 2.52 19.92
N8 DLZ D . 13.18 3.82 20.05
C1' DLZ D . 12.40 4.20 21.30
C2' DLZ D . 10.91 3.72 21.21
O2' DLZ D . 10.22 4.33 20.09
C3' DLZ D . 10.19 4.01 22.54
O3' DLZ D . 10.91 3.31 23.55
C4' DLZ D . 8.74 3.46 22.60
O4' DLZ D . 7.94 4.09 21.58
C5' DLZ D . 8.22 3.91 23.97
O5' DLZ D . 6.96 3.35 24.24
#